data_6AAZ
#
_entry.id   6AAZ
#
_cell.length_a   101.378
_cell.length_b   44.107
_cell.length_c   72.673
_cell.angle_alpha   90.00
_cell.angle_beta   118.63
_cell.angle_gamma   90.00
#
_symmetry.space_group_name_H-M   'C 1 2 1'
#
loop_
_entity.id
_entity.type
_entity.pdbx_description
1 polymer 'Pyrrolysine--tRNA ligase'
2 non-polymer 'MAGNESIUM ION'
3 non-polymer "ADENOSINE-5'-TRIPHOSPHATE"
4 non-polymer N6-{[(4-nitrophenyl)methoxy]carbonyl}-L-lysine
5 non-polymer 'CITRIC ACID'
6 non-polymer 'POTASSIUM ION'
7 water water
#
_entity_poly.entity_id   1
_entity_poly.type   'polypeptide(L)'
_entity_poly.pdbx_seq_one_letter_code
;GSHMASAPALTKSQTDRLEVLLNPKDEISLNSGKPFRELESELLSRRKKDLQQIYAEERENYLGKLEREITRFFVDRGFL
EIKSPILIPLEYIERMGIDNDTELSKQIFRVDKNFCLRPMLAPNLANYLRKLDRALPDPIKIFEIGPCYRKESDGKEHLE
EFTMLNFCQMGSGCTRENLESIITDFLNHLGIDFKIVGDSCMVFGDTLDVMHGDLELSSAVVGPIPLDREWGIDKPWIGA
GFGLERLLKVKHDFKNIKRAARSGSYYNGISTNL
;
_entity_poly.pdbx_strand_id   A
#
loop_
_chem_comp.id
_chem_comp.type
_chem_comp.name
_chem_comp.formula
ATP non-polymer ADENOSINE-5'-TRIPHOSPHATE 'C10 H16 N5 O13 P3'
CIT non-polymer 'CITRIC ACID' 'C6 H8 O7'
K non-polymer 'POTASSIUM ION' 'K 1'
MG non-polymer 'MAGNESIUM ION' 'Mg 2'
#
# COMPACT_ATOMS: atom_id res chain seq x y z
N PRO A 8 -9.61 -9.17 -38.98
CA PRO A 8 -8.43 -8.84 -38.17
C PRO A 8 -8.61 -9.20 -36.69
N ALA A 9 -8.70 -10.49 -36.38
CA ALA A 9 -8.72 -10.92 -34.99
C ALA A 9 -7.36 -10.68 -34.36
N LEU A 10 -7.38 -10.25 -33.10
CA LEU A 10 -6.15 -9.92 -32.39
C LEU A 10 -5.63 -11.15 -31.65
N THR A 11 -4.32 -11.34 -31.71
CA THR A 11 -3.68 -12.40 -30.94
C THR A 11 -3.61 -11.99 -29.47
N LYS A 12 -3.36 -12.99 -28.62
CA LYS A 12 -3.17 -12.71 -27.20
C LYS A 12 -2.03 -11.73 -27.00
N SER A 13 -0.91 -11.92 -27.71
CA SER A 13 0.21 -11.00 -27.58
CA SER A 13 0.21 -11.00 -27.58
C SER A 13 -0.18 -9.58 -28.00
N GLN A 14 -1.04 -9.46 -29.01
CA GLN A 14 -1.45 -8.13 -29.46
C GLN A 14 -2.42 -7.49 -28.46
N THR A 15 -3.38 -8.26 -27.93
CA THR A 15 -4.27 -7.73 -26.92
CA THR A 15 -4.27 -7.71 -26.93
C THR A 15 -3.49 -7.32 -25.66
N ASP A 16 -2.50 -8.12 -25.29
CA ASP A 16 -1.66 -7.79 -24.13
C ASP A 16 -0.95 -6.47 -24.33
N ARG A 17 -0.41 -6.23 -25.52
CA ARG A 17 0.30 -4.99 -25.77
C ARG A 17 -0.67 -3.80 -25.77
N LEU A 18 -1.88 -3.98 -26.32
CA LEU A 18 -2.87 -2.91 -26.25
C LEU A 18 -3.30 -2.64 -24.82
N GLU A 19 -3.43 -3.69 -24.00
CA GLU A 19 -3.82 -3.47 -22.62
C GLU A 19 -2.75 -2.72 -21.84
N VAL A 20 -1.47 -2.96 -22.16
CA VAL A 20 -0.40 -2.20 -21.53
C VAL A 20 -0.54 -0.71 -21.84
N LEU A 21 -0.95 -0.38 -23.06
CA LEU A 21 -1.09 1.00 -23.51
C LEU A 21 -2.42 1.63 -23.13
N LEU A 22 -3.40 0.83 -22.71
CA LEU A 22 -4.71 1.33 -22.40
C LEU A 22 -4.75 1.94 -21.01
N ASN A 23 -5.47 3.05 -20.88
CA ASN A 23 -5.67 3.70 -19.60
C ASN A 23 -7.15 3.73 -19.25
N PRO A 24 -7.50 3.78 -17.97
CA PRO A 24 -8.93 3.75 -17.59
C PRO A 24 -9.74 4.87 -18.21
N LYS A 25 -9.12 6.02 -18.49
CA LYS A 25 -9.86 7.12 -19.10
C LYS A 25 -10.20 6.84 -20.57
N ASP A 26 -9.52 5.88 -21.19
CA ASP A 26 -9.79 5.56 -22.58
C ASP A 26 -11.12 4.85 -22.72
N GLU A 27 -11.77 5.07 -23.87
CA GLU A 27 -13.02 4.42 -24.22
C GLU A 27 -12.89 3.86 -25.64
N ILE A 28 -12.07 2.82 -25.79
CA ILE A 28 -11.85 2.16 -27.06
C ILE A 28 -12.12 0.68 -26.91
N SER A 29 -12.71 0.07 -27.94
CA SER A 29 -12.88 -1.38 -27.99
C SER A 29 -11.71 -1.98 -28.77
N LEU A 30 -11.06 -2.97 -28.17
CA LEU A 30 -9.99 -3.67 -28.87
C LEU A 30 -10.53 -4.70 -29.85
N ASN A 31 -11.77 -5.15 -29.68
CA ASN A 31 -12.39 -6.17 -30.51
C ASN A 31 -13.34 -5.59 -31.55
N SER A 32 -13.08 -4.35 -32.00
CA SER A 32 -14.00 -3.72 -32.94
C SER A 32 -13.78 -4.18 -34.38
N GLY A 33 -12.64 -4.82 -34.68
CA GLY A 33 -12.27 -5.12 -36.04
C GLY A 33 -11.28 -4.16 -36.64
N LYS A 34 -11.01 -3.05 -35.96
CA LYS A 34 -9.94 -2.16 -36.38
C LYS A 34 -8.61 -2.89 -36.32
N PRO A 35 -7.72 -2.70 -37.30
CA PRO A 35 -6.44 -3.42 -37.28
C PRO A 35 -5.59 -3.06 -36.07
N PHE A 36 -4.80 -4.03 -35.62
CA PHE A 36 -3.92 -3.84 -34.47
C PHE A 36 -2.97 -2.67 -34.68
N ARG A 37 -2.51 -2.45 -35.92
CA ARG A 37 -1.53 -1.39 -36.17
C ARG A 37 -2.10 -0.01 -35.83
N GLU A 38 -3.38 0.21 -36.09
CA GLU A 38 -3.96 1.53 -35.85
C GLU A 38 -4.48 1.69 -34.43
N LEU A 39 -4.81 0.59 -33.75
CA LEU A 39 -5.11 0.66 -32.32
C LEU A 39 -3.86 0.99 -31.53
N GLU A 40 -2.73 0.32 -31.84
CA GLU A 40 -1.49 0.61 -31.13
C GLU A 40 -1.04 2.05 -31.38
N SER A 41 -1.10 2.51 -32.63
CA SER A 41 -0.65 3.86 -32.94
CA SER A 41 -0.65 3.86 -32.94
C SER A 41 -1.50 4.90 -32.20
N GLU A 42 -2.82 4.72 -32.19
CA GLU A 42 -3.67 5.66 -31.47
C GLU A 42 -3.34 5.68 -29.98
N LEU A 43 -3.16 4.49 -29.38
CA LEU A 43 -2.85 4.42 -27.96
C LEU A 43 -1.45 4.96 -27.68
N LEU A 44 -0.48 4.65 -28.55
CA LEU A 44 0.86 5.17 -28.39
C LEU A 44 0.87 6.69 -28.40
N SER A 45 0.04 7.30 -29.24
CA SER A 45 0.01 8.76 -29.32
CA SER A 45 0.01 8.76 -29.32
C SER A 45 -0.60 9.37 -28.06
N ARG A 46 -1.67 8.78 -27.54
CA ARG A 46 -2.28 9.32 -26.33
C ARG A 46 -1.34 9.21 -25.13
N ARG A 47 -0.63 8.09 -25.01
CA ARG A 47 0.24 7.90 -23.85
C ARG A 47 1.46 8.81 -23.91
N LYS A 48 2.00 9.04 -25.11
CA LYS A 48 3.09 10.00 -25.25
C LYS A 48 2.64 11.39 -24.84
N LYS A 49 1.40 11.78 -25.22
CA LYS A 49 0.90 13.08 -24.81
C LYS A 49 0.70 13.14 -23.30
N ASP A 50 0.27 12.03 -22.70
CA ASP A 50 0.08 12.00 -21.26
C ASP A 50 1.40 12.23 -20.52
N LEU A 51 2.47 11.57 -20.98
CA LEU A 51 3.77 11.71 -20.32
C LEU A 51 4.35 13.10 -20.56
N GLN A 52 4.25 13.61 -21.79
CA GLN A 52 4.74 14.95 -22.07
C GLN A 52 4.02 15.99 -21.20
N GLN A 53 2.72 15.81 -20.99
CA GLN A 53 2.00 16.71 -20.09
C GLN A 53 2.46 16.54 -18.65
N ILE A 54 2.76 15.31 -18.22
CA ILE A 54 3.30 15.12 -16.88
C ILE A 54 4.65 15.81 -16.76
N TYR A 55 5.52 15.63 -17.75
CA TYR A 55 6.86 16.22 -17.72
C TYR A 55 6.80 17.74 -17.73
N ALA A 56 5.76 18.31 -18.35
CA ALA A 56 5.69 19.75 -18.49
C ALA A 56 5.04 20.45 -17.30
N GLU A 57 4.11 19.79 -16.61
CA GLU A 57 3.25 20.49 -15.66
C GLU A 57 3.15 19.88 -14.27
N GLU A 58 3.64 18.67 -14.02
CA GLU A 58 3.52 18.09 -12.68
CA GLU A 58 3.53 18.13 -12.66
C GLU A 58 4.86 17.55 -12.18
N ARG A 59 5.38 16.55 -12.88
CA ARG A 59 6.67 15.91 -12.61
C ARG A 59 6.76 15.18 -11.28
N GLU A 60 5.67 15.14 -10.51
CA GLU A 60 5.68 14.43 -9.24
C GLU A 60 5.22 12.98 -9.42
N ASN A 61 5.92 12.07 -8.74
CA ASN A 61 5.60 10.65 -8.78
C ASN A 61 4.39 10.35 -7.89
N TYR A 62 3.48 9.51 -8.41
CA TYR A 62 2.24 9.21 -7.69
C TYR A 62 2.50 8.65 -6.30
N LEU A 63 3.41 7.69 -6.19
CA LEU A 63 3.70 7.08 -4.89
C LEU A 63 4.42 8.06 -3.97
N GLY A 64 5.33 8.86 -4.52
CA GLY A 64 5.98 9.88 -3.71
C GLY A 64 4.99 10.94 -3.23
N LYS A 65 4.14 11.43 -4.15
CA LYS A 65 3.20 12.47 -3.80
C LYS A 65 2.19 11.98 -2.77
N LEU A 66 1.75 10.74 -2.89
CA LEU A 66 0.80 10.21 -1.91
C LEU A 66 1.45 10.07 -0.55
N GLU A 67 2.71 9.63 -0.51
CA GLU A 67 3.40 9.55 0.77
C GLU A 67 3.47 10.92 1.44
N ARG A 68 3.79 11.97 0.66
CA ARG A 68 3.92 13.30 1.25
C ARG A 68 2.58 13.86 1.70
N GLU A 69 1.51 13.57 0.96
CA GLU A 69 0.18 13.99 1.38
C GLU A 69 -0.24 13.30 2.68
N ILE A 70 -0.01 11.99 2.77
CA ILE A 70 -0.34 11.26 4.00
C ILE A 70 0.54 11.74 5.15
N THR A 71 1.80 12.02 4.86
CA THR A 71 2.71 12.49 5.91
C THR A 71 2.22 13.79 6.52
N ARG A 72 1.78 14.74 5.68
CA ARG A 72 1.26 16.00 6.21
C ARG A 72 0.00 15.78 7.04
N PHE A 73 -0.88 14.88 6.58
CA PHE A 73 -2.11 14.58 7.31
C PHE A 73 -1.83 14.12 8.74
N PHE A 74 -0.91 13.16 8.89
CA PHE A 74 -0.67 12.62 10.23
C PHE A 74 0.25 13.51 11.06
N VAL A 75 1.20 14.21 10.43
CA VAL A 75 2.02 15.15 11.21
C VAL A 75 1.16 16.27 11.77
N ASP A 76 0.19 16.75 10.99
CA ASP A 76 -0.68 17.81 11.47
C ASP A 76 -1.63 17.34 12.56
N ARG A 77 -1.92 16.04 12.62
CA ARG A 77 -2.79 15.51 13.65
C ARG A 77 -2.03 15.04 14.87
N GLY A 78 -0.73 15.36 14.96
CA GLY A 78 0.03 15.09 16.16
C GLY A 78 0.78 13.78 16.19
N PHE A 79 0.98 13.13 15.04
CA PHE A 79 1.70 11.87 14.95
C PHE A 79 3.15 12.12 14.58
N LEU A 80 4.06 11.39 15.21
CA LEU A 80 5.48 11.55 14.97
C LEU A 80 5.90 10.71 13.75
N GLU A 81 6.62 11.34 12.82
CA GLU A 81 7.00 10.66 11.57
C GLU A 81 8.22 9.77 11.79
N ILE A 82 8.06 8.48 11.49
CA ILE A 82 9.09 7.48 11.70
C ILE A 82 9.65 7.04 10.35
N LYS A 83 10.97 6.80 10.32
CA LYS A 83 11.63 6.11 9.19
C LYS A 83 12.55 5.07 9.80
N SER A 84 12.12 3.81 9.80
CA SER A 84 12.83 2.73 10.46
C SER A 84 13.49 1.81 9.43
N PRO A 85 14.35 0.89 9.86
CA PRO A 85 15.04 0.04 8.88
C PRO A 85 14.08 -0.80 8.05
N ILE A 86 14.42 -0.95 6.76
CA ILE A 86 13.68 -1.87 5.91
C ILE A 86 14.26 -3.27 6.03
N LEU A 87 15.57 -3.37 6.23
CA LEU A 87 16.25 -4.63 6.49
C LEU A 87 16.23 -4.89 7.99
N ILE A 88 15.57 -5.97 8.41
CA ILE A 88 15.30 -6.19 9.83
C ILE A 88 15.81 -7.57 10.22
N PRO A 89 15.97 -7.80 11.53
CA PRO A 89 16.39 -9.14 11.97
C PRO A 89 15.34 -10.19 11.66
N LEU A 90 15.81 -11.34 11.16
CA LEU A 90 14.93 -12.50 10.99
C LEU A 90 14.25 -12.87 12.30
N GLU A 91 14.90 -12.56 13.43
CA GLU A 91 14.34 -12.84 14.75
C GLU A 91 12.97 -12.18 14.94
N TYR A 92 12.75 -11.02 14.31
CA TYR A 92 11.49 -10.31 14.48
C TYR A 92 10.31 -11.15 13.99
N ILE A 93 10.53 -11.97 12.96
CA ILE A 93 9.42 -12.68 12.32
C ILE A 93 8.79 -13.68 13.27
N GLU A 94 9.60 -14.55 13.87
CA GLU A 94 9.04 -15.55 14.79
C GLU A 94 8.46 -14.89 16.03
N ARG A 95 9.04 -13.77 16.46
CA ARG A 95 8.53 -13.08 17.64
C ARG A 95 7.17 -12.44 17.39
N MET A 96 6.86 -12.10 16.14
CA MET A 96 5.56 -11.53 15.81
C MET A 96 4.47 -12.58 15.73
N GLY A 97 4.78 -13.85 15.97
CA GLY A 97 3.80 -14.91 15.88
C GLY A 97 3.65 -15.54 14.52
N ILE A 98 4.62 -15.33 13.62
CA ILE A 98 4.56 -15.88 12.27
C ILE A 98 5.25 -17.24 12.33
N ASP A 99 4.46 -18.28 12.55
CA ASP A 99 5.00 -19.61 12.75
C ASP A 99 5.60 -20.17 11.46
N ASN A 100 6.61 -21.01 11.61
CA ASN A 100 7.29 -21.63 10.48
C ASN A 100 6.58 -22.90 10.03
N GLU A 103 2.48 -20.55 5.30
CA GLU A 103 1.73 -19.34 5.67
C GLU A 103 2.50 -18.09 5.27
N LEU A 104 2.35 -17.03 6.07
CA LEU A 104 3.08 -15.79 5.80
C LEU A 104 4.57 -15.96 5.99
N SER A 105 5.01 -17.01 6.69
CA SER A 105 6.45 -17.21 6.92
C SER A 105 7.19 -17.48 5.62
N LYS A 106 6.57 -18.18 4.67
CA LYS A 106 7.20 -18.46 3.39
C LYS A 106 7.10 -17.27 2.43
N GLN A 107 6.41 -16.20 2.81
CA GLN A 107 6.38 -14.98 2.02
C GLN A 107 7.55 -14.06 2.34
N ILE A 108 8.39 -14.41 3.30
CA ILE A 108 9.48 -13.54 3.74
C ILE A 108 10.64 -13.65 2.78
N PHE A 109 11.17 -12.49 2.35
CA PHE A 109 12.41 -12.44 1.59
C PHE A 109 13.58 -12.43 2.59
N ARG A 110 14.31 -13.53 2.66
CA ARG A 110 15.44 -13.61 3.59
C ARG A 110 16.68 -12.97 2.98
N VAL A 111 17.46 -12.30 3.82
CA VAL A 111 18.72 -11.67 3.43
C VAL A 111 19.81 -12.21 4.34
N ASP A 112 20.94 -12.62 3.74
CA ASP A 112 22.00 -13.37 4.42
C ASP A 112 21.41 -14.46 5.32
N LYS A 113 21.96 -14.63 6.53
CA LYS A 113 21.53 -15.71 7.40
C LYS A 113 20.54 -15.26 8.48
N ASN A 114 20.69 -14.06 9.02
CA ASN A 114 19.90 -13.64 10.17
C ASN A 114 18.98 -12.46 9.91
N PHE A 115 18.88 -11.97 8.68
CA PHE A 115 18.10 -10.77 8.39
C PHE A 115 17.09 -11.05 7.30
N CYS A 116 16.19 -10.09 7.09
CA CYS A 116 15.12 -10.24 6.09
C CYS A 116 14.58 -8.88 5.73
N LEU A 117 13.89 -8.82 4.60
CA LEU A 117 13.15 -7.62 4.23
C LEU A 117 11.85 -7.58 5.03
N ARG A 118 11.53 -6.43 5.61
CA ARG A 118 10.37 -6.37 6.48
C ARG A 118 9.10 -6.64 5.68
N PRO A 119 8.21 -7.51 6.15
CA PRO A 119 6.93 -7.71 5.48
C PRO A 119 5.84 -6.78 5.99
N MET A 120 6.13 -6.02 7.03
CA MET A 120 5.19 -5.09 7.65
C MET A 120 5.99 -4.10 8.47
N LEU A 121 5.34 -3.01 8.86
CA LEU A 121 5.98 -2.00 9.69
C LEU A 121 5.79 -2.26 11.18
N ALA A 122 4.82 -3.10 11.55
CA ALA A 122 4.41 -3.23 12.95
C ALA A 122 5.57 -3.45 13.92
N PRO A 123 6.51 -4.38 13.70
CA PRO A 123 7.52 -4.64 14.73
C PRO A 123 8.42 -3.44 15.01
N ASN A 124 8.88 -2.73 13.99
CA ASN A 124 9.67 -1.52 14.23
C ASN A 124 8.85 -0.49 14.98
N LEU A 125 7.55 -0.38 14.68
CA LEU A 125 6.74 0.63 15.35
C LEU A 125 6.45 0.24 16.80
N ALA A 126 6.26 -1.06 17.06
CA ALA A 126 6.13 -1.52 18.44
C ALA A 126 7.34 -1.13 19.28
N ASN A 127 8.55 -1.30 18.71
CA ASN A 127 9.76 -0.91 19.44
C ASN A 127 9.76 0.59 19.74
N TYR A 128 9.38 1.41 18.77
CA TYR A 128 9.35 2.85 18.97
C TYR A 128 8.33 3.26 20.02
N LEU A 129 7.15 2.64 20.01
CA LEU A 129 6.16 2.95 21.03
C LEU A 129 6.72 2.70 22.41
N ARG A 130 7.34 1.53 22.60
CA ARG A 130 7.91 1.19 23.90
C ARG A 130 8.97 2.20 24.33
N LYS A 131 9.86 2.57 23.41
CA LYS A 131 10.95 3.50 23.75
C LYS A 131 10.43 4.91 23.97
N LEU A 132 9.55 5.40 23.09
CA LEU A 132 9.10 6.78 23.21
C LEU A 132 8.25 7.00 24.45
N ASP A 133 7.59 5.95 24.95
CA ASP A 133 6.74 6.09 26.12
C ASP A 133 7.53 6.52 27.36
N ARG A 134 8.85 6.28 27.37
CA ARG A 134 9.70 6.72 28.47
C ARG A 134 10.07 8.19 28.39
N ALA A 135 9.71 8.89 27.31
CA ALA A 135 10.16 10.28 27.17
C ALA A 135 9.02 11.21 26.83
N LEU A 136 8.01 10.71 26.14
CA LEU A 136 6.98 11.60 25.63
C LEU A 136 5.70 11.48 26.46
N PRO A 137 4.87 12.52 26.50
CA PRO A 137 3.62 12.44 27.27
C PRO A 137 2.57 11.62 26.56
N ASP A 138 1.62 11.15 27.36
CA ASP A 138 0.50 10.38 26.83
C ASP A 138 -0.45 11.29 26.05
N PRO A 139 -0.97 10.85 24.90
CA PRO A 139 -0.71 9.54 24.28
C PRO A 139 0.44 9.58 23.28
N ILE A 140 1.03 8.42 22.99
CA ILE A 140 2.12 8.30 22.02
C ILE A 140 1.52 8.02 20.65
N LYS A 141 1.78 8.91 19.70
CA LYS A 141 1.19 8.80 18.36
C LYS A 141 2.32 8.86 17.33
N ILE A 142 2.50 7.77 16.57
CA ILE A 142 3.54 7.72 15.55
C ILE A 142 2.98 7.07 14.29
N PHE A 143 3.72 7.23 13.19
CA PHE A 143 3.37 6.58 11.93
C PHE A 143 4.61 6.45 11.08
N GLU A 144 4.56 5.49 10.16
CA GLU A 144 5.62 5.32 9.18
C GLU A 144 4.99 4.98 7.83
N ILE A 145 5.66 5.43 6.77
CA ILE A 145 5.35 5.03 5.40
C ILE A 145 6.64 4.52 4.79
N GLY A 146 6.58 3.35 4.15
CA GLY A 146 7.77 2.83 3.51
C GLY A 146 7.61 1.46 2.89
N PRO A 147 8.65 1.03 2.17
CA PRO A 147 8.58 -0.25 1.48
C PRO A 147 8.42 -1.43 2.43
N CYS A 148 7.62 -2.39 1.99
CA CYS A 148 7.52 -3.70 2.63
C CYS A 148 7.53 -4.75 1.53
N TYR A 149 7.81 -6.00 1.91
CA TYR A 149 8.15 -7.04 0.94
C TYR A 149 7.52 -8.36 1.34
N ARG A 150 6.78 -8.98 0.41
CA ARG A 150 6.15 -10.27 0.61
C ARG A 150 6.16 -11.03 -0.71
N LYS A 151 6.54 -12.30 -0.68
CA LYS A 151 6.35 -13.15 -1.84
C LYS A 151 4.86 -13.44 -2.00
N GLU A 152 4.33 -13.20 -3.19
CA GLU A 152 2.89 -13.27 -3.39
C GLU A 152 2.56 -14.14 -4.60
N SER A 153 1.25 -14.44 -4.74
CA SER A 153 0.77 -15.32 -5.80
C SER A 153 -0.59 -14.89 -6.33
N ASP A 154 -0.86 -13.58 -6.38
CA ASP A 154 -2.14 -13.08 -6.89
C ASP A 154 -1.88 -11.73 -7.58
N GLY A 155 -1.30 -11.80 -8.78
CA GLY A 155 -0.92 -10.62 -9.50
C GLY A 155 -2.10 -9.79 -9.98
N LYS A 156 -2.80 -9.14 -9.05
CA LYS A 156 -3.87 -8.22 -9.41
C LYS A 156 -4.05 -7.17 -8.31
N GLU A 157 -4.13 -7.60 -7.05
CA GLU A 157 -4.12 -6.70 -5.91
C GLU A 157 -2.90 -6.90 -5.04
N HIS A 158 -1.94 -7.71 -5.46
CA HIS A 158 -0.75 -8.01 -4.68
C HIS A 158 0.50 -7.62 -5.47
N LEU A 159 1.46 -7.03 -4.77
CA LEU A 159 2.79 -6.78 -5.27
C LEU A 159 3.80 -7.44 -4.34
N GLU A 160 4.95 -7.79 -4.89
CA GLU A 160 6.01 -8.32 -4.01
C GLU A 160 6.74 -7.17 -3.30
N GLU A 161 6.77 -5.99 -3.91
CA GLU A 161 7.40 -4.80 -3.33
C GLU A 161 6.32 -3.72 -3.29
N PHE A 162 5.83 -3.40 -2.10
CA PHE A 162 4.74 -2.45 -1.97
C PHE A 162 5.08 -1.41 -0.91
N THR A 163 4.15 -0.50 -0.66
CA THR A 163 4.37 0.62 0.23
C THR A 163 3.29 0.60 1.29
N MET A 164 3.71 0.61 2.54
CA MET A 164 2.81 0.51 3.67
C MET A 164 2.79 1.82 4.43
N LEU A 165 1.60 2.22 4.85
CA LEU A 165 1.42 3.20 5.91
C LEU A 165 0.91 2.46 7.14
N ASN A 166 1.52 2.71 8.28
CA ASN A 166 1.03 2.22 9.57
C ASN A 166 1.05 3.40 10.52
N PHE A 167 -0.11 3.77 11.05
CA PHE A 167 -0.19 4.71 12.16
C PHE A 167 -0.67 3.98 13.40
N CYS A 168 -0.21 4.43 14.55
CA CYS A 168 -0.58 3.76 15.77
C CYS A 168 -0.48 4.72 16.94
N GLN A 169 -1.20 4.40 18.01
CA GLN A 169 -1.30 5.23 19.19
C GLN A 169 -1.25 4.33 20.41
N MET A 170 -0.64 4.82 21.49
CA MET A 170 -0.51 4.02 22.71
C MET A 170 -0.73 4.91 23.93
N GLY A 171 -1.59 4.43 24.84
CA GLY A 171 -1.96 5.21 26.00
C GLY A 171 -3.45 5.47 26.02
N SER A 172 -3.84 6.72 26.28
CA SER A 172 -5.25 7.07 26.30
C SER A 172 -5.79 7.18 24.88
N GLY A 173 -7.13 7.20 24.79
CA GLY A 173 -7.79 7.34 23.51
C GLY A 173 -7.64 6.16 22.57
N CYS A 174 -7.18 5.00 23.05
CA CYS A 174 -6.98 3.84 22.21
C CYS A 174 -8.21 2.92 22.27
N THR A 175 -9.30 3.43 21.72
CA THR A 175 -10.58 2.74 21.66
C THR A 175 -10.91 2.40 20.21
N ARG A 176 -11.84 1.45 20.05
CA ARG A 176 -12.31 1.12 18.71
C ARG A 176 -12.91 2.34 18.03
N GLU A 177 -13.70 3.12 18.77
CA GLU A 177 -14.37 4.26 18.14
C GLU A 177 -13.38 5.30 17.69
N ASN A 178 -12.29 5.51 18.45
CA ASN A 178 -11.28 6.47 18.00
C ASN A 178 -10.52 5.95 16.80
N LEU A 179 -10.18 4.66 16.79
CA LEU A 179 -9.50 4.08 15.64
C LEU A 179 -10.34 4.22 14.39
N GLU A 180 -11.63 3.89 14.46
CA GLU A 180 -12.51 4.08 13.32
C GLU A 180 -12.58 5.55 12.93
N SER A 181 -12.59 6.45 13.93
CA SER A 181 -12.69 7.87 13.63
CA SER A 181 -12.69 7.87 13.63
C SER A 181 -11.47 8.36 12.84
N ILE A 182 -10.27 7.87 13.18
CA ILE A 182 -9.07 8.26 12.44
C ILE A 182 -9.12 7.70 11.03
N ILE A 183 -9.47 6.43 10.89
CA ILE A 183 -9.61 5.83 9.57
C ILE A 183 -10.60 6.62 8.72
N THR A 184 -11.72 7.01 9.32
CA THR A 184 -12.74 7.77 8.59
C THR A 184 -12.20 9.12 8.14
N ASP A 185 -11.59 9.87 9.06
CA ASP A 185 -10.99 11.15 8.69
C ASP A 185 -9.93 10.97 7.60
N PHE A 186 -9.14 9.89 7.69
CA PHE A 186 -8.06 9.66 6.75
C PHE A 186 -8.60 9.39 5.35
N LEU A 187 -9.56 8.47 5.23
CA LEU A 187 -10.07 8.14 3.91
C LEU A 187 -10.98 9.23 3.36
N ASN A 188 -11.72 9.92 4.23
CA ASN A 188 -12.47 11.08 3.76
C ASN A 188 -11.54 12.15 3.21
N HIS A 189 -10.34 12.28 3.78
CA HIS A 189 -9.36 13.21 3.25
C HIS A 189 -8.89 12.79 1.86
N LEU A 190 -8.73 11.49 1.63
CA LEU A 190 -8.35 10.98 0.32
C LEU A 190 -9.53 10.83 -0.63
N GLY A 191 -10.76 11.00 -0.14
CA GLY A 191 -11.94 10.88 -0.99
C GLY A 191 -12.26 9.46 -1.42
N ILE A 192 -12.03 8.49 -0.54
CA ILE A 192 -12.26 7.08 -0.82
C ILE A 192 -13.37 6.57 0.09
N ASP A 193 -14.43 6.04 -0.51
CA ASP A 193 -15.50 5.41 0.27
C ASP A 193 -15.06 4.04 0.75
N PHE A 194 -15.55 3.64 1.92
CA PHE A 194 -15.13 2.37 2.49
C PHE A 194 -16.17 1.85 3.45
N LYS A 195 -16.03 0.58 3.79
CA LYS A 195 -16.80 -0.05 4.87
C LYS A 195 -15.83 -0.81 5.74
N ILE A 196 -16.23 -1.06 6.98
CA ILE A 196 -15.43 -1.82 7.94
C ILE A 196 -16.10 -3.16 8.15
N VAL A 197 -15.32 -4.24 7.99
CA VAL A 197 -15.81 -5.59 8.24
C VAL A 197 -14.79 -6.32 9.11
N GLY A 198 -15.29 -7.17 9.99
CA GLY A 198 -14.40 -7.95 10.83
C GLY A 198 -13.69 -9.03 10.05
N ASP A 199 -12.45 -9.31 10.46
CA ASP A 199 -11.68 -10.43 9.92
C ASP A 199 -10.71 -10.89 11.01
N SER A 200 -9.78 -11.75 10.63
CA SER A 200 -8.83 -12.27 11.60
C SER A 200 -7.57 -12.70 10.86
N CYS A 201 -6.41 -12.41 11.46
CA CYS A 201 -5.14 -12.87 10.96
C CYS A 201 -4.38 -13.56 12.09
N MET A 202 -3.36 -14.32 11.72
N MET A 202 -3.38 -14.34 11.72
CA MET A 202 -2.65 -15.15 12.70
CA MET A 202 -2.66 -15.15 12.69
C MET A 202 -1.80 -14.32 13.65
C MET A 202 -1.80 -14.32 13.64
N VAL A 203 -1.38 -13.12 13.22
CA VAL A 203 -0.47 -12.32 14.03
C VAL A 203 -1.22 -11.59 15.14
N PHE A 204 -2.27 -10.86 14.79
CA PHE A 204 -2.92 -9.95 15.72
C PHE A 204 -4.25 -10.45 16.27
N GLY A 205 -4.85 -11.48 15.68
CA GLY A 205 -6.14 -11.96 16.12
C GLY A 205 -7.25 -11.37 15.28
N ASP A 206 -8.29 -10.87 15.94
CA ASP A 206 -9.37 -10.21 15.23
C ASP A 206 -8.91 -8.85 14.69
N THR A 207 -9.32 -8.54 13.47
CA THR A 207 -8.98 -7.26 12.85
C THR A 207 -10.24 -6.58 12.35
N LEU A 208 -10.15 -5.27 12.23
CA LEU A 208 -11.15 -4.46 11.53
C LEU A 208 -10.58 -4.18 10.15
N ASP A 209 -11.15 -4.80 9.12
CA ASP A 209 -10.65 -4.64 7.77
C ASP A 209 -11.38 -3.51 7.06
N VAL A 210 -10.62 -2.57 6.52
CA VAL A 210 -11.17 -1.44 5.78
C VAL A 210 -11.31 -1.88 4.32
N MET A 211 -12.56 -1.96 3.86
CA MET A 211 -12.86 -2.52 2.54
C MET A 211 -13.38 -1.42 1.62
N HIS A 212 -12.87 -1.39 0.40
CA HIS A 212 -13.42 -0.60 -0.68
C HIS A 212 -13.96 -1.63 -1.67
N GLY A 213 -15.26 -1.93 -1.56
CA GLY A 213 -15.80 -3.04 -2.32
C GLY A 213 -15.20 -4.34 -1.82
N ASP A 214 -14.62 -5.12 -2.74
CA ASP A 214 -13.94 -6.36 -2.36
C ASP A 214 -12.45 -6.17 -2.18
N LEU A 215 -11.97 -4.94 -2.19
CA LEU A 215 -10.55 -4.64 -2.06
C LEU A 215 -10.26 -4.27 -0.61
N GLU A 216 -9.38 -5.04 0.04
CA GLU A 216 -8.96 -4.74 1.40
C GLU A 216 -7.95 -3.60 1.36
N LEU A 217 -8.33 -2.44 1.89
CA LEU A 217 -7.39 -1.33 1.98
C LEU A 217 -6.52 -1.37 3.22
N SER A 218 -7.03 -1.92 4.32
CA SER A 218 -6.30 -1.88 5.57
C SER A 218 -6.77 -2.98 6.49
N SER A 219 -5.87 -3.43 7.36
CA SER A 219 -6.23 -4.19 8.56
C SER A 219 -5.88 -3.32 9.75
N ALA A 220 -6.82 -3.19 10.68
CA ALA A 220 -6.64 -2.37 11.87
C ALA A 220 -6.87 -3.24 13.10
N VAL A 221 -6.23 -2.89 14.21
CA VAL A 221 -6.23 -3.73 15.40
C VAL A 221 -6.44 -2.84 16.62
N VAL A 222 -7.29 -3.30 17.54
CA VAL A 222 -7.47 -2.67 18.83
C VAL A 222 -6.86 -3.59 19.88
N GLY A 223 -5.76 -3.15 20.50
CA GLY A 223 -5.17 -3.89 21.59
C GLY A 223 -5.96 -3.71 22.87
N PRO A 224 -5.45 -4.32 23.96
CA PRO A 224 -4.22 -5.13 23.99
C PRO A 224 -4.41 -6.52 23.41
N ILE A 225 -3.30 -7.17 23.06
CA ILE A 225 -3.31 -8.55 22.57
C ILE A 225 -2.21 -9.31 23.31
N PRO A 226 -2.31 -10.64 23.38
CA PRO A 226 -1.27 -11.42 24.09
C PRO A 226 0.13 -11.22 23.53
N LEU A 227 0.26 -10.75 22.28
CA LEU A 227 1.57 -10.51 21.68
C LEU A 227 2.29 -9.32 22.31
N ASP A 228 1.58 -8.45 23.03
CA ASP A 228 2.21 -7.25 23.57
C ASP A 228 3.37 -7.58 24.49
N ARG A 229 3.21 -8.61 25.33
CA ARG A 229 4.24 -8.95 26.31
C ARG A 229 5.56 -9.30 25.65
N GLU A 230 5.50 -9.95 24.48
CA GLU A 230 6.72 -10.32 23.76
C GLU A 230 7.47 -9.10 23.25
N TRP A 231 6.81 -7.95 23.16
CA TRP A 231 7.42 -6.73 22.65
C TRP A 231 7.48 -5.63 23.69
N GLY A 232 7.21 -5.93 24.95
CA GLY A 232 7.28 -4.91 25.99
C GLY A 232 6.20 -3.85 25.93
N ILE A 233 5.11 -4.12 25.21
CA ILE A 233 3.98 -3.20 25.16
C ILE A 233 3.07 -3.53 26.34
N ASP A 234 2.81 -2.54 27.19
CA ASP A 234 2.07 -2.77 28.42
C ASP A 234 0.96 -1.74 28.61
N LYS A 235 0.44 -1.20 27.52
CA LYS A 235 -0.57 -0.16 27.56
C LYS A 235 -1.57 -0.40 26.44
N PRO A 236 -2.77 0.17 26.54
CA PRO A 236 -3.71 0.10 25.41
C PRO A 236 -3.09 0.72 24.18
N TRP A 237 -3.50 0.23 23.02
CA TRP A 237 -2.96 0.74 21.76
C TRP A 237 -3.95 0.47 20.65
N ILE A 238 -3.80 1.23 19.56
CA ILE A 238 -4.56 1.00 18.32
C ILE A 238 -3.61 1.19 17.15
N GLY A 239 -3.92 0.54 16.04
CA GLY A 239 -3.05 0.65 14.88
C GLY A 239 -3.74 0.16 13.63
N ALA A 240 -3.21 0.60 12.48
CA ALA A 240 -3.79 0.20 11.20
C ALA A 240 -2.73 0.30 10.13
N GLY A 241 -2.68 -0.69 9.26
CA GLY A 241 -1.77 -0.68 8.13
C GLY A 241 -2.47 -0.58 6.80
N PHE A 242 -2.04 0.34 5.94
CA PHE A 242 -2.66 0.62 4.64
C PHE A 242 -1.65 0.37 3.53
N GLY A 243 -2.11 -0.24 2.43
CA GLY A 243 -1.29 -0.31 1.23
C GLY A 243 -1.45 0.89 0.30
N LEU A 244 -0.36 1.65 0.07
CA LEU A 244 -0.48 2.87 -0.74
C LEU A 244 -0.79 2.55 -2.19
N GLU A 245 -0.25 1.45 -2.72
CA GLU A 245 -0.54 1.09 -4.11
C GLU A 245 -2.01 0.71 -4.29
N ARG A 246 -2.63 0.13 -3.27
CA ARG A 246 -4.07 -0.13 -3.37
C ARG A 246 -4.86 1.16 -3.30
N LEU A 247 -4.42 2.12 -2.49
CA LEU A 247 -5.08 3.42 -2.46
C LEU A 247 -5.02 4.09 -3.83
N LEU A 248 -3.85 4.03 -4.48
CA LEU A 248 -3.71 4.58 -5.82
C LEU A 248 -4.55 3.79 -6.83
N LYS A 249 -4.61 2.47 -6.69
CA LYS A 249 -5.45 1.67 -7.57
C LYS A 249 -6.91 2.14 -7.51
N VAL A 250 -7.41 2.42 -6.31
CA VAL A 250 -8.78 2.92 -6.19
C VAL A 250 -8.89 4.31 -6.78
N LYS A 251 -7.97 5.20 -6.40
CA LYS A 251 -8.05 6.59 -6.82
C LYS A 251 -7.99 6.74 -8.34
N HIS A 252 -7.22 5.89 -9.01
CA HIS A 252 -7.04 6.05 -10.45
C HIS A 252 -7.77 4.99 -11.27
N ASP A 253 -8.58 4.13 -10.63
CA ASP A 253 -9.33 3.08 -11.31
C ASP A 253 -8.43 2.13 -12.10
N PHE A 254 -7.23 1.87 -11.58
CA PHE A 254 -6.30 0.97 -12.25
C PHE A 254 -6.86 -0.45 -12.27
N LYS A 255 -6.74 -1.09 -13.42
CA LYS A 255 -7.12 -2.50 -13.50
C LYS A 255 -6.13 -3.38 -12.77
N ASN A 256 -4.83 -3.06 -12.87
CA ASN A 256 -3.77 -3.84 -12.25
C ASN A 256 -3.00 -2.96 -11.28
N ILE A 257 -2.72 -3.50 -10.09
CA ILE A 257 -1.98 -2.75 -9.08
C ILE A 257 -0.55 -2.50 -9.51
N LYS A 258 -0.06 -3.20 -10.53
CA LYS A 258 1.28 -2.91 -11.02
C LYS A 258 1.36 -1.54 -11.67
N ARG A 259 0.21 -0.96 -12.06
CA ARG A 259 0.22 0.39 -12.61
C ARG A 259 0.72 1.40 -11.59
N ALA A 260 0.56 1.12 -10.30
CA ALA A 260 0.88 2.06 -9.24
C ALA A 260 2.17 1.71 -8.50
N ALA A 261 2.83 0.60 -8.86
CA ALA A 261 3.98 0.11 -8.10
C ALA A 261 5.27 0.81 -8.52
N ARG A 262 6.30 0.66 -7.68
CA ARG A 262 7.66 0.93 -8.13
C ARG A 262 7.95 0.05 -9.32
N SER A 263 8.31 0.66 -10.44
CA SER A 263 8.49 -0.11 -11.66
CA SER A 263 8.48 -0.11 -11.67
C SER A 263 9.22 0.73 -12.69
N GLY A 264 9.96 0.04 -13.56
CA GLY A 264 10.49 0.66 -14.75
C GLY A 264 9.57 0.52 -15.93
N SER A 265 8.42 -0.15 -15.72
CA SER A 265 7.47 -0.42 -16.79
CA SER A 265 7.47 -0.43 -16.79
C SER A 265 6.31 0.56 -16.85
N TYR A 266 6.05 1.33 -15.78
CA TYR A 266 4.97 2.31 -15.77
C TYR A 266 5.40 3.54 -14.98
N TYR A 267 5.07 4.71 -15.50
CA TYR A 267 5.24 5.96 -14.75
C TYR A 267 3.86 6.57 -14.53
N ASN A 268 3.43 6.62 -13.27
CA ASN A 268 2.14 7.18 -12.91
C ASN A 268 1.01 6.54 -13.73
N GLY A 269 1.07 5.21 -13.87
CA GLY A 269 0.07 4.49 -14.61
C GLY A 269 0.22 4.49 -16.12
N ILE A 270 1.22 5.20 -16.65
CA ILE A 270 1.46 5.27 -18.09
C ILE A 270 2.58 4.30 -18.44
N SER A 271 2.37 3.47 -19.45
CA SER A 271 3.44 2.58 -19.89
C SER A 271 4.66 3.38 -20.33
N THR A 272 5.84 2.90 -19.95
CA THR A 272 7.11 3.48 -20.37
C THR A 272 7.69 2.80 -21.60
N ASN A 273 7.02 1.76 -22.11
CA ASN A 273 7.44 1.10 -23.34
C ASN A 273 6.72 1.74 -24.52
N LEU A 274 7.13 2.96 -24.83
CA LEU A 274 6.48 3.76 -25.87
C LEU A 274 7.39 3.97 -27.07
MG MG B . -1.78 -11.14 2.29
MG MG C . -5.22 -7.60 6.31
MG MG D . -6.23 -9.96 4.38
PG ATP E . -4.41 -9.57 1.58
O1G ATP E . -5.42 -10.35 2.39
O2G ATP E . -3.24 -10.41 1.12
O3G ATP E . -4.99 -8.67 0.53
PB ATP E . -3.17 -8.90 4.08
O1B ATP E . -4.28 -8.99 5.11
O2B ATP E . -2.22 -10.06 3.93
O3B ATP E . -3.76 -8.52 2.63
PA ATP E . -2.02 -7.02 5.87
O1A ATP E . -3.34 -6.68 6.50
O2A ATP E . -1.05 -7.95 6.56
O3A ATP E . -2.31 -7.58 4.39
O5' ATP E . -1.26 -5.65 5.50
C5' ATP E . -1.90 -4.40 5.69
C4' ATP E . -2.19 -3.80 4.31
O4' ATP E . -1.06 -3.87 3.46
C3' ATP E . -3.27 -4.55 3.54
O3' ATP E . -4.59 -4.14 3.92
C2' ATP E . -2.97 -4.17 2.11
O2' ATP E . -3.62 -2.92 1.83
C1' ATP E . -1.47 -3.94 2.09
N9 ATP E . -0.77 -5.10 1.48
C8 ATP E . -0.49 -6.27 2.11
N7 ATP E . 0.17 -7.11 1.27
C5 ATP E . 0.32 -6.47 0.10
C6 ATP E . 0.92 -6.80 -1.21
N6 ATP E . 1.53 -8.00 -1.42
N1 ATP E . 0.86 -5.87 -2.19
C2 ATP E . 0.27 -4.67 -1.98
N3 ATP E . -0.29 -4.30 -0.83
C4 ATP E . -0.30 -5.15 0.24
C15 9UC F . 2.24 -2.33 17.51
C17 9UC F . 3.09 -4.57 17.18
C22 9UC F . 2.15 -3.93 19.31
C 9UC F . -1.74 -6.24 9.84
CA 9UC F . -0.46 -5.37 9.75
CB 9UC F . -0.69 -3.97 10.34
CG 9UC F . -1.14 -4.05 11.80
CD 9UC F . -0.74 -2.83 12.64
CE 9UC F . -0.88 -3.12 14.14
C11 9UC F . 0.77 -1.38 14.95
C14 9UC F . 1.97 -0.95 16.98
C16 9UC F . 2.84 -3.29 16.69
C18 9UC F . 2.74 -4.89 18.49
C23 9UC F . 1.89 -2.65 18.82
N 9UC F . 0.04 -5.25 8.37
NZ 9UC F . 0.40 -2.78 14.80
N19 9UC F . 3.00 -6.23 19.01
O 9UC F . -2.64 -6.11 10.85
OXT 9UC F . -2.01 -7.18 8.90
O12 9UC F . 0.00 -0.50 14.59
O13 9UC F . 2.03 -1.04 15.55
O20 9UC F . 3.53 -7.06 18.29
O21 9UC F . 2.66 -6.52 20.14
C1 CIT G . 16.69 -4.23 23.44
O1 CIT G . 15.58 -4.21 22.87
O2 CIT G . 17.70 -4.49 22.76
C2 CIT G . 16.80 -3.94 24.92
C3 CIT G . 16.52 -2.47 25.19
O7 CIT G . 17.24 -1.66 24.23
C4 CIT G . 16.94 -2.08 26.61
C5 CIT G . 18.45 -2.09 26.72
O3 CIT G . 18.99 -2.18 27.85
O4 CIT G . 19.17 -2.00 25.70
C6 CIT G . 15.02 -2.21 25.06
O5 CIT G . 14.19 -2.97 25.60
O6 CIT G . 14.60 -1.25 24.39
K K H . 8.06 -2.84 -7.22
K K I . -2.56 2.00 -41.10
K K J . -10.96 0.15 -14.86
#